data_3Q96
#
_entry.id   3Q96
#
_cell.length_a   94.029
_cell.length_b   94.029
_cell.length_c   165.264
_cell.angle_alpha   90.000
_cell.angle_beta   90.000
_cell.angle_gamma   90.000
#
_symmetry.space_group_name_H-M   'P 41 21 2'
#
loop_
_entity.id
_entity.type
_entity.pdbx_description
1 polymer 'Serine/threonine-protein kinase B-raf'
2 non-polymer (2S)-N-[3-(2-aminopropan-2-yl)-5-(trifluoromethyl)phenyl]-7-[(7-oxo-5,6,7,8-tetrahydro-1,8-naphthyridin-4-yl)oxy]-1,2,3,4-tetrahydronaphthalene-2-carboxamide
#
_entity_poly.entity_id   1
_entity_poly.type   'polypeptide(L)'
_entity_poly.pdbx_seq_one_letter_code
;SSDDWEIPDGQITVGQRIGSGSFGTVYKGKWHGDVAVKMLNVTAPTPQQLQAFKNEVGVLRKTRHVNILLFMGYSTKPQL
AIVTQWCEGSSLYHHLHIIETKFEMIKLIDIARQTAQGMDYLHAKSIIHRDLKSNNIFLHEDLTVKIGDFGLATVKSRWS
GSHQFEQLSGSILWMAPEVIRMQDKNPYSFQSDVYAFGIVLYELMTGQLPYSNINNRDQIIFMVGRGYLSPDLSKVRSNC
PKAMKRLMAECLKKKRDERPLFPQILASIELLARSLPKIHRS
;
_entity_poly.pdbx_strand_id   A,B
#
# COMPACT_ATOMS: atom_id res chain seq x y z
N ASP A 4 8.74 -10.50 14.16
CA ASP A 4 7.72 -11.60 14.02
C ASP A 4 6.37 -11.01 13.58
N TRP A 5 5.67 -11.73 12.72
CA TRP A 5 4.43 -11.20 12.13
C TRP A 5 3.19 -12.00 12.49
N GLU A 6 3.30 -12.84 13.50
CA GLU A 6 2.16 -13.59 13.98
C GLU A 6 1.12 -12.65 14.58
N ILE A 7 -0.09 -12.72 14.05
CA ILE A 7 -1.21 -11.92 14.58
C ILE A 7 -1.70 -12.56 15.87
N PRO A 8 -1.75 -11.79 16.98
CA PRO A 8 -2.26 -12.28 18.24
C PRO A 8 -3.59 -13.02 18.08
N ASP A 9 -3.78 -14.08 18.86
CA ASP A 9 -4.91 -14.99 18.72
C ASP A 9 -6.25 -14.30 18.99
N GLY A 10 -7.24 -14.61 18.15
CA GLY A 10 -8.61 -14.12 18.32
C GLY A 10 -8.88 -12.69 17.89
N GLN A 11 -8.10 -12.18 16.95
CA GLN A 11 -8.24 -10.81 16.50
C GLN A 11 -9.04 -10.71 15.19
N ILE A 12 -8.79 -11.66 14.29
CA ILE A 12 -9.28 -11.60 12.93
C ILE A 12 -10.68 -12.20 12.84
N THR A 13 -11.67 -11.39 12.49
CA THR A 13 -13.03 -11.88 12.31
C THR A 13 -13.28 -12.15 10.83
N VAL A 14 -13.47 -13.43 10.50
CA VAL A 14 -13.74 -13.85 9.14
C VAL A 14 -15.18 -13.50 8.75
N GLY A 15 -15.36 -12.89 7.57
CA GLY A 15 -16.69 -12.49 7.08
C GLY A 15 -17.20 -13.35 5.93
N GLN A 16 -17.66 -12.69 4.87
CA GLN A 16 -18.19 -13.36 3.67
C GLN A 16 -17.17 -14.30 3.01
N ARG A 17 -17.64 -15.44 2.53
CA ARG A 17 -16.77 -16.42 1.86
C ARG A 17 -16.58 -16.08 0.39
N ILE A 18 -15.34 -15.78 0.01
CA ILE A 18 -15.03 -15.38 -1.37
C ILE A 18 -14.88 -16.59 -2.30
N GLY A 19 -13.74 -17.28 -2.23
CA GLY A 19 -13.48 -18.41 -3.10
C GLY A 19 -12.90 -19.62 -2.38
N SER A 20 -13.42 -20.80 -2.69
CA SER A 20 -12.89 -22.02 -2.12
C SER A 20 -12.13 -22.80 -3.19
N GLY A 21 -11.08 -23.48 -2.75
CA GLY A 21 -10.30 -24.33 -3.63
C GLY A 21 -9.98 -25.64 -2.95
N SER A 22 -9.42 -26.57 -3.73
CA SER A 22 -9.06 -27.90 -3.23
C SER A 22 -8.12 -27.83 -2.02
N PHE A 23 -7.20 -26.86 -2.02
CA PHE A 23 -6.31 -26.61 -0.87
C PHE A 23 -6.95 -25.64 0.14
N GLY A 24 -6.93 -24.34 -0.18
CA GLY A 24 -7.43 -23.32 0.75
C GLY A 24 -8.82 -22.75 0.48
N THR A 25 -9.16 -21.71 1.23
CA THR A 25 -10.38 -20.92 1.03
C THR A 25 -10.13 -19.49 1.44
N VAL A 26 -10.63 -18.55 0.65
CA VAL A 26 -10.46 -17.12 0.92
C VAL A 26 -11.77 -16.52 1.47
N TYR A 27 -11.61 -15.72 2.51
CA TYR A 27 -12.69 -14.92 3.07
C TYR A 27 -12.26 -13.45 3.14
N LYS A 28 -13.22 -12.55 2.97
CA LYS A 28 -13.04 -11.17 3.38
C LYS A 28 -13.16 -11.18 4.89
N GLY A 29 -12.41 -10.34 5.59
CA GLY A 29 -12.44 -10.33 7.04
C GLY A 29 -12.14 -8.96 7.60
N LYS A 30 -12.13 -8.88 8.92
CA LYS A 30 -11.83 -7.61 9.60
C LYS A 30 -10.64 -7.72 10.54
N TRP A 31 -9.60 -6.93 10.26
CA TRP A 31 -8.49 -6.77 11.19
C TRP A 31 -7.90 -5.38 10.99
N HIS A 32 -8.28 -4.46 11.87
CA HIS A 32 -7.97 -3.03 11.76
C HIS A 32 -8.45 -2.47 10.43
N GLY A 33 -9.67 -2.86 10.06
CA GLY A 33 -10.30 -2.47 8.80
C GLY A 33 -10.61 -3.68 7.94
N ASP A 34 -10.78 -3.48 6.64
CA ASP A 34 -10.98 -4.60 5.71
C ASP A 34 -9.66 -5.33 5.46
N VAL A 35 -9.68 -6.66 5.60
CA VAL A 35 -8.54 -7.49 5.22
C VAL A 35 -8.99 -8.68 4.38
N ALA A 36 -8.03 -9.31 3.69
CA ALA A 36 -8.27 -10.58 3.02
C ALA A 36 -7.64 -11.70 3.84
N VAL A 37 -8.29 -12.86 3.88
CA VAL A 37 -7.82 -13.98 4.68
C VAL A 37 -7.83 -15.25 3.84
N LYS A 38 -6.66 -15.84 3.63
CA LYS A 38 -6.55 -17.17 2.99
C LYS A 38 -6.33 -18.24 4.06
N MET A 39 -7.36 -19.04 4.29
CA MET A 39 -7.32 -20.08 5.33
C MET A 39 -7.17 -21.47 4.75
N LEU A 40 -6.58 -22.34 5.55
CA LEU A 40 -6.58 -23.75 5.27
C LEU A 40 -7.63 -24.41 6.15
N ASN A 41 -8.69 -24.90 5.51
CA ASN A 41 -9.80 -25.56 6.22
C ASN A 41 -9.58 -27.07 6.39
N VAL A 42 -8.76 -27.41 7.37
CA VAL A 42 -8.47 -28.80 7.75
C VAL A 42 -8.39 -28.90 9.29
N THR A 43 -8.77 -30.04 9.83
CA THR A 43 -8.74 -30.24 11.27
C THR A 43 -7.30 -30.45 11.77
N ALA A 44 -6.52 -31.22 11.02
CA ALA A 44 -5.10 -31.41 11.29
C ALA A 44 -4.32 -31.31 9.98
N PRO A 45 -3.46 -30.28 9.86
CA PRO A 45 -2.63 -30.15 8.65
C PRO A 45 -1.50 -31.19 8.58
N THR A 46 -1.22 -31.66 7.37
CA THR A 46 -0.14 -32.62 7.12
C THR A 46 1.21 -31.89 7.11
N PRO A 47 2.33 -32.62 7.07
CA PRO A 47 3.63 -31.93 7.03
C PRO A 47 3.83 -31.16 5.71
N GLN A 48 3.22 -31.66 4.63
CA GLN A 48 3.33 -31.07 3.30
C GLN A 48 2.49 -29.80 3.22
N GLN A 49 1.33 -29.82 3.88
CA GLN A 49 0.50 -28.63 3.99
C GLN A 49 1.21 -27.60 4.87
N LEU A 50 1.70 -28.04 6.03
CA LEU A 50 2.39 -27.15 6.96
C LEU A 50 3.56 -26.47 6.26
N GLN A 51 4.29 -27.23 5.44
CA GLN A 51 5.49 -26.73 4.80
C GLN A 51 5.18 -25.71 3.71
N ALA A 52 4.08 -25.93 2.99
CA ALA A 52 3.63 -25.04 1.93
C ALA A 52 3.19 -23.71 2.50
N PHE A 53 2.63 -23.78 3.71
CA PHE A 53 2.25 -22.60 4.47
C PHE A 53 3.50 -21.80 4.80
N LYS A 54 4.48 -22.46 5.41
CA LYS A 54 5.72 -21.79 5.82
C LYS A 54 6.51 -21.16 4.66
N ASN A 55 6.37 -21.71 3.45
CA ASN A 55 6.97 -21.14 2.24
C ASN A 55 6.32 -19.82 1.85
N GLU A 56 5.00 -19.85 1.68
CA GLU A 56 4.22 -18.68 1.26
C GLU A 56 4.48 -17.51 2.20
N VAL A 57 4.41 -17.78 3.51
CA VAL A 57 4.67 -16.76 4.52
C VAL A 57 6.13 -16.28 4.46
N GLY A 58 7.06 -17.22 4.45
CA GLY A 58 8.49 -16.92 4.31
C GLY A 58 8.78 -15.98 3.15
N VAL A 59 8.11 -16.22 2.02
CA VAL A 59 8.28 -15.42 0.81
C VAL A 59 7.65 -14.04 0.98
N LEU A 60 6.35 -14.00 1.30
CA LEU A 60 5.61 -12.74 1.39
C LEU A 60 6.19 -11.75 2.39
N ARG A 61 6.89 -12.27 3.40
CA ARG A 61 7.48 -11.41 4.43
C ARG A 61 8.74 -10.71 3.91
N LYS A 62 9.22 -11.15 2.76
CA LYS A 62 10.38 -10.53 2.10
C LYS A 62 9.94 -9.48 1.06
N THR A 63 8.63 -9.34 0.86
CA THR A 63 8.06 -8.36 -0.10
C THR A 63 7.51 -7.12 0.58
N ARG A 64 7.70 -5.96 -0.07
CA ARG A 64 7.22 -4.66 0.40
C ARG A 64 7.25 -3.68 -0.77
N HIS A 65 6.23 -3.75 -1.61
CA HIS A 65 6.25 -3.00 -2.87
C HIS A 65 4.85 -2.77 -3.44
N VAL A 66 4.58 -1.54 -3.90
CA VAL A 66 3.22 -1.14 -4.33
C VAL A 66 2.58 -2.05 -5.36
N ASN A 67 3.38 -2.78 -6.12
CA ASN A 67 2.86 -3.68 -7.13
C ASN A 67 2.81 -5.14 -6.67
N ILE A 68 3.10 -5.35 -5.40
CA ILE A 68 2.94 -6.67 -4.81
C ILE A 68 1.87 -6.61 -3.74
N LEU A 69 0.92 -7.54 -3.83
CA LEU A 69 -0.15 -7.67 -2.84
C LEU A 69 0.44 -7.61 -1.43
N LEU A 70 -0.07 -6.67 -0.63
CA LEU A 70 0.51 -6.35 0.66
C LEU A 70 0.23 -7.41 1.70
N PHE A 71 1.29 -8.04 2.19
CA PHE A 71 1.19 -9.03 3.26
C PHE A 71 1.13 -8.33 4.62
N MET A 72 0.30 -8.84 5.53
CA MET A 72 0.04 -8.20 6.82
C MET A 72 0.27 -9.10 8.05
N GLY A 73 0.06 -10.40 7.87
CA GLY A 73 0.27 -11.35 8.96
C GLY A 73 -0.21 -12.77 8.72
N TYR A 74 -0.01 -13.63 9.71
CA TYR A 74 -0.48 -15.01 9.65
C TYR A 74 -0.92 -15.47 11.04
N SER A 75 -1.77 -16.48 11.09
CA SER A 75 -2.18 -17.09 12.35
C SER A 75 -2.10 -18.60 12.22
N THR A 76 -1.45 -19.24 13.19
CA THR A 76 -1.30 -20.69 13.16
C THR A 76 -2.37 -21.39 14.01
N LYS A 77 -2.89 -20.69 15.01
CA LYS A 77 -4.00 -21.18 15.84
C LYS A 77 -5.14 -20.15 15.80
N PRO A 78 -6.40 -20.60 15.57
CA PRO A 78 -6.91 -21.98 15.55
C PRO A 78 -6.65 -22.77 14.25
N GLN A 79 -6.76 -22.11 13.09
CA GLN A 79 -6.44 -22.72 11.80
C GLN A 79 -5.42 -21.87 11.06
N LEU A 80 -4.65 -22.52 10.18
CA LEU A 80 -3.64 -21.84 9.37
C LEU A 80 -4.29 -20.78 8.49
N ALA A 81 -3.76 -19.55 8.56
CA ALA A 81 -4.31 -18.44 7.80
C ALA A 81 -3.23 -17.45 7.36
N ILE A 82 -3.39 -16.91 6.16
CA ILE A 82 -2.55 -15.80 5.69
C ILE A 82 -3.43 -14.57 5.46
N VAL A 83 -3.00 -13.44 6.00
CA VAL A 83 -3.76 -12.19 5.93
C VAL A 83 -3.04 -11.14 5.09
N THR A 84 -3.74 -10.65 4.06
CA THR A 84 -3.24 -9.59 3.20
C THR A 84 -4.27 -8.47 3.23
N GLN A 85 -3.92 -7.32 2.64
CA GLN A 85 -4.87 -6.21 2.45
C GLN A 85 -6.10 -6.68 1.68
N TRP A 86 -7.21 -5.95 1.80
CA TRP A 86 -8.34 -6.19 0.94
C TRP A 86 -8.28 -5.26 -0.27
N CYS A 87 -8.32 -5.83 -1.47
CA CYS A 87 -8.26 -5.04 -2.70
C CYS A 87 -9.62 -4.92 -3.37
N GLU A 88 -9.94 -3.72 -3.86
CA GLU A 88 -11.20 -3.51 -4.55
C GLU A 88 -10.99 -3.47 -6.05
N GLY A 89 -11.67 -4.37 -6.76
CA GLY A 89 -11.61 -4.45 -8.21
C GLY A 89 -11.77 -5.86 -8.73
N SER A 90 -11.06 -6.16 -9.82
CA SER A 90 -11.06 -7.49 -10.42
C SER A 90 -9.66 -7.86 -10.86
N SER A 91 -9.48 -9.14 -11.21
CA SER A 91 -8.24 -9.59 -11.83
C SER A 91 -8.21 -9.08 -13.26
N LEU A 92 -7.00 -8.95 -13.80
CA LEU A 92 -6.82 -8.59 -15.20
C LEU A 92 -7.52 -9.60 -16.12
N TYR A 93 -7.51 -10.86 -15.72
CA TYR A 93 -8.25 -11.91 -16.41
C TYR A 93 -9.72 -11.52 -16.55
N HIS A 94 -10.31 -11.06 -15.44
CA HIS A 94 -11.72 -10.69 -15.39
C HIS A 94 -12.03 -9.55 -16.36
N HIS A 95 -11.23 -8.50 -16.29
CA HIS A 95 -11.40 -7.33 -17.16
C HIS A 95 -11.28 -7.67 -18.65
N LEU A 96 -10.34 -8.54 -19.00
CA LEU A 96 -10.00 -8.80 -20.41
C LEU A 96 -10.85 -9.86 -21.07
N HIS A 97 -11.29 -10.86 -20.31
CA HIS A 97 -11.87 -12.08 -20.89
C HIS A 97 -13.29 -12.40 -20.45
N ILE A 98 -13.70 -11.78 -19.34
CA ILE A 98 -15.03 -12.01 -18.77
C ILE A 98 -15.94 -10.81 -19.03
N ILE A 99 -15.60 -9.66 -18.44
CA ILE A 99 -16.42 -8.44 -18.61
C ILE A 99 -15.88 -7.50 -19.71
N GLU A 100 -14.94 -8.02 -20.50
CA GLU A 100 -14.43 -7.37 -21.71
C GLU A 100 -14.25 -5.85 -21.62
N THR A 101 -13.54 -5.41 -20.58
CA THR A 101 -13.22 -4.00 -20.41
C THR A 101 -12.31 -3.54 -21.52
N LYS A 102 -12.73 -2.49 -22.22
CA LYS A 102 -11.94 -1.93 -23.31
C LYS A 102 -11.07 -0.79 -22.77
N PHE A 103 -9.87 -1.14 -22.32
CA PHE A 103 -8.89 -0.15 -21.91
C PHE A 103 -8.30 0.51 -23.15
N GLU A 104 -7.88 1.75 -23.02
CA GLU A 104 -7.16 2.40 -24.11
C GLU A 104 -5.66 2.15 -24.01
N MET A 105 -4.96 2.35 -25.13
CA MET A 105 -3.56 1.94 -25.29
C MET A 105 -2.64 2.37 -24.16
N ILE A 106 -2.66 3.67 -23.86
CA ILE A 106 -1.90 4.24 -22.74
C ILE A 106 -2.06 3.41 -21.45
N LYS A 107 -3.30 3.03 -21.13
CA LYS A 107 -3.62 2.30 -19.90
C LYS A 107 -3.11 0.86 -19.91
N LEU A 108 -3.23 0.18 -21.05
CA LEU A 108 -2.69 -1.17 -21.22
C LEU A 108 -1.18 -1.20 -21.01
N ILE A 109 -0.51 -0.15 -21.47
CA ILE A 109 0.93 -0.04 -21.33
C ILE A 109 1.30 0.25 -19.87
N ASP A 110 0.50 1.04 -19.19
CA ASP A 110 0.69 1.31 -17.76
C ASP A 110 0.56 0.03 -16.92
N ILE A 111 -0.39 -0.83 -17.29
CA ILE A 111 -0.56 -2.13 -16.67
C ILE A 111 0.67 -2.99 -16.94
N ALA A 112 1.09 -3.02 -18.21
CA ALA A 112 2.30 -3.73 -18.60
C ALA A 112 3.48 -3.28 -17.73
N ARG A 113 3.71 -1.98 -17.68
CA ARG A 113 4.81 -1.40 -16.91
C ARG A 113 4.74 -1.84 -15.45
N GLN A 114 3.60 -1.55 -14.81
CA GLN A 114 3.39 -1.90 -13.40
C GLN A 114 3.60 -3.37 -13.08
N THR A 115 3.11 -4.25 -13.96
CA THR A 115 3.30 -5.69 -13.76
C THR A 115 4.78 -6.05 -13.82
N ALA A 116 5.47 -5.50 -14.83
CA ALA A 116 6.91 -5.67 -14.99
C ALA A 116 7.67 -4.98 -13.86
N GLN A 117 7.09 -3.92 -13.33
CA GLN A 117 7.66 -3.21 -12.18
C GLN A 117 7.77 -4.10 -10.95
N GLY A 118 6.69 -4.82 -10.66
CA GLY A 118 6.64 -5.71 -9.52
C GLY A 118 7.42 -6.98 -9.76
N MET A 119 7.34 -7.47 -10.99
CA MET A 119 8.10 -8.67 -11.39
C MET A 119 9.59 -8.46 -11.21
N ASP A 120 10.09 -7.31 -11.66
CA ASP A 120 11.48 -6.92 -11.42
C ASP A 120 11.84 -7.02 -9.92
N TYR A 121 10.96 -6.48 -9.08
CA TYR A 121 11.14 -6.49 -7.63
C TYR A 121 11.33 -7.90 -7.08
N LEU A 122 10.42 -8.81 -7.46
CA LEU A 122 10.48 -10.19 -7.01
C LEU A 122 11.79 -10.86 -7.42
N HIS A 123 12.21 -10.62 -8.65
CA HIS A 123 13.40 -11.27 -9.17
C HIS A 123 14.68 -10.78 -8.52
N ALA A 124 14.72 -9.50 -8.13
CA ALA A 124 15.88 -8.95 -7.42
C ALA A 124 16.11 -9.66 -6.09
N LYS A 125 15.05 -10.22 -5.53
CA LYS A 125 15.12 -10.87 -4.23
C LYS A 125 15.14 -12.40 -4.35
N SER A 126 15.51 -12.89 -5.53
CA SER A 126 15.56 -14.31 -5.84
C SER A 126 14.21 -15.03 -5.65
N ILE A 127 13.11 -14.32 -5.89
CA ILE A 127 11.78 -14.92 -5.89
C ILE A 127 11.33 -15.19 -7.31
N ILE A 128 11.09 -16.46 -7.62
CA ILE A 128 10.58 -16.87 -8.92
C ILE A 128 9.08 -17.13 -8.75
N HIS A 129 8.24 -16.36 -9.43
CA HIS A 129 6.78 -16.46 -9.22
C HIS A 129 6.24 -17.87 -9.46
N ARG A 130 6.62 -18.48 -10.58
CA ARG A 130 6.26 -19.86 -10.88
C ARG A 130 4.85 -20.01 -11.46
N ASP A 131 4.07 -18.94 -11.42
CA ASP A 131 2.68 -19.01 -11.89
C ASP A 131 2.10 -17.62 -12.16
N LEU A 132 2.81 -16.81 -12.93
CA LEU A 132 2.28 -15.54 -13.40
C LEU A 132 1.24 -15.78 -14.48
N LYS A 133 0.12 -15.07 -14.37
CA LYS A 133 -0.96 -15.11 -15.36
C LYS A 133 -1.92 -13.97 -15.05
N SER A 134 -2.70 -13.55 -16.03
CA SER A 134 -3.62 -12.41 -15.86
C SER A 134 -4.51 -12.58 -14.63
N ASN A 135 -4.88 -13.81 -14.32
CA ASN A 135 -5.71 -14.09 -13.15
C ASN A 135 -5.03 -13.77 -11.80
N ASN A 136 -3.70 -13.84 -11.78
CA ASN A 136 -2.93 -13.53 -10.60
C ASN A 136 -2.50 -12.07 -10.53
N ILE A 137 -2.95 -11.30 -11.51
CA ILE A 137 -2.70 -9.86 -11.53
C ILE A 137 -4.00 -9.12 -11.19
N PHE A 138 -4.12 -8.70 -9.94
CA PHE A 138 -5.31 -8.01 -9.49
C PHE A 138 -5.18 -6.53 -9.72
N LEU A 139 -6.25 -5.94 -10.22
CA LEU A 139 -6.27 -4.54 -10.58
C LEU A 139 -6.98 -3.78 -9.47
N HIS A 140 -6.18 -3.22 -8.57
CA HIS A 140 -6.70 -2.57 -7.38
C HIS A 140 -7.21 -1.19 -7.71
N GLU A 141 -8.51 -0.98 -7.46
CA GLU A 141 -9.19 0.29 -7.74
C GLU A 141 -9.16 0.62 -9.23
N ASP A 142 -8.89 -0.40 -10.04
CA ASP A 142 -8.73 -0.27 -11.49
C ASP A 142 -7.61 0.74 -11.83
N LEU A 143 -6.56 0.70 -11.02
CA LEU A 143 -5.46 1.67 -11.07
C LEU A 143 -4.11 0.98 -10.84
N THR A 144 -4.04 0.23 -9.76
CA THR A 144 -2.77 -0.31 -9.30
C THR A 144 -2.71 -1.82 -9.47
N VAL A 145 -1.65 -2.28 -10.12
CA VAL A 145 -1.38 -3.69 -10.23
C VAL A 145 -0.92 -4.18 -8.87
N LYS A 146 -1.46 -5.31 -8.45
CA LYS A 146 -0.98 -6.01 -7.27
C LYS A 146 -0.81 -7.46 -7.64
N ILE A 147 0.44 -7.85 -7.90
CA ILE A 147 0.76 -9.23 -8.24
C ILE A 147 0.62 -10.15 -7.03
N GLY A 148 0.07 -11.35 -7.24
CA GLY A 148 0.00 -12.36 -6.18
C GLY A 148 -0.21 -13.76 -6.73
N ASP A 149 -0.44 -14.72 -5.84
CA ASP A 149 -0.89 -16.05 -6.25
C ASP A 149 -2.27 -16.35 -5.65
N PHE A 150 -3.32 -16.02 -6.40
CA PHE A 150 -4.68 -16.25 -5.97
C PHE A 150 -5.09 -17.72 -6.15
N GLY A 151 -4.11 -18.57 -6.42
CA GLY A 151 -4.32 -20.00 -6.59
C GLY A 151 -4.92 -20.66 -5.35
N LEU A 152 -5.83 -21.60 -5.62
CA LEU A 152 -6.56 -22.31 -4.57
C LEU A 152 -6.60 -23.82 -4.88
N SER A 171 -2.57 -22.18 -15.15
CA SER A 171 -2.20 -23.45 -15.76
C SER A 171 -1.35 -23.28 -17.02
N ILE A 172 -1.92 -23.71 -18.15
CA ILE A 172 -1.14 -24.06 -19.34
C ILE A 172 -0.78 -22.97 -20.34
N LEU A 173 -1.69 -22.02 -20.57
CA LEU A 173 -1.48 -20.99 -21.59
C LEU A 173 -0.25 -20.13 -21.30
N TRP A 174 0.13 -20.06 -20.03
CA TRP A 174 1.25 -19.22 -19.60
C TRP A 174 2.56 -19.98 -19.47
N MET A 175 2.52 -21.31 -19.59
CA MET A 175 3.71 -22.15 -19.43
C MET A 175 4.62 -22.16 -20.65
N ALA A 176 5.88 -21.79 -20.42
CA ALA A 176 6.91 -21.82 -21.44
C ALA A 176 7.22 -23.26 -21.87
N PRO A 177 7.67 -23.44 -23.12
CA PRO A 177 7.98 -24.77 -23.67
C PRO A 177 8.77 -25.67 -22.72
N GLU A 178 9.86 -25.16 -22.17
CA GLU A 178 10.72 -25.99 -21.32
C GLU A 178 10.06 -26.40 -20.00
N VAL A 179 8.97 -25.72 -19.64
CA VAL A 179 8.21 -26.05 -18.44
C VAL A 179 7.21 -27.15 -18.77
N ILE A 180 6.79 -27.20 -20.04
CA ILE A 180 5.83 -28.20 -20.50
C ILE A 180 6.51 -29.54 -20.84
N ARG A 181 7.68 -29.46 -21.46
CA ARG A 181 8.49 -30.66 -21.72
C ARG A 181 9.01 -31.30 -20.42
N MET A 182 9.28 -30.46 -19.41
CA MET A 182 9.85 -30.88 -18.12
C MET A 182 11.24 -31.53 -18.24
N ASN A 186 13.34 -29.36 -11.64
CA ASN A 186 13.13 -27.92 -11.61
C ASN A 186 13.51 -27.19 -12.92
N PRO A 187 12.50 -26.92 -13.78
CA PRO A 187 12.68 -26.20 -15.05
C PRO A 187 12.29 -24.72 -14.98
N TYR A 188 11.85 -24.25 -13.81
CA TYR A 188 11.48 -22.86 -13.58
C TYR A 188 12.71 -21.98 -13.41
N SER A 189 12.67 -20.79 -14.01
CA SER A 189 13.76 -19.83 -13.91
C SER A 189 13.21 -18.42 -14.09
N PHE A 190 14.07 -17.42 -13.91
CA PHE A 190 13.67 -16.05 -14.16
C PHE A 190 13.04 -15.94 -15.55
N GLN A 191 13.58 -16.72 -16.49
CA GLN A 191 13.14 -16.68 -17.88
C GLN A 191 11.75 -17.31 -18.10
N SER A 192 11.40 -18.31 -17.28
CA SER A 192 10.08 -18.93 -17.35
C SER A 192 8.96 -17.93 -16.99
N ASP A 193 9.26 -17.00 -16.09
CA ASP A 193 8.33 -15.95 -15.67
C ASP A 193 8.16 -14.90 -16.77
N VAL A 194 9.25 -14.62 -17.48
CA VAL A 194 9.25 -13.68 -18.61
C VAL A 194 8.31 -14.16 -19.72
N TYR A 195 8.34 -15.47 -19.99
CA TYR A 195 7.43 -16.06 -20.97
C TYR A 195 5.98 -15.86 -20.54
N ALA A 196 5.69 -16.09 -19.27
CA ALA A 196 4.34 -15.88 -18.75
C ALA A 196 3.95 -14.41 -18.90
N PHE A 197 4.89 -13.51 -18.60
CA PHE A 197 4.69 -12.08 -18.78
C PHE A 197 4.47 -11.75 -20.25
N GLY A 198 5.14 -12.51 -21.12
CA GLY A 198 4.96 -12.40 -22.57
C GLY A 198 3.55 -12.74 -23.00
N ILE A 199 2.99 -13.80 -22.41
CA ILE A 199 1.59 -14.19 -22.65
C ILE A 199 0.61 -13.13 -22.12
N VAL A 200 0.94 -12.53 -20.98
CA VAL A 200 0.15 -11.45 -20.38
C VAL A 200 0.22 -10.21 -21.28
N LEU A 201 1.38 -9.97 -21.88
CA LEU A 201 1.54 -8.91 -22.85
C LEU A 201 0.60 -9.15 -24.03
N TYR A 202 0.59 -10.40 -24.50
CA TYR A 202 -0.29 -10.81 -25.58
C TYR A 202 -1.77 -10.54 -25.25
N GLU A 203 -2.21 -10.95 -24.06
CA GLU A 203 -3.58 -10.72 -23.58
C GLU A 203 -3.95 -9.24 -23.61
N LEU A 204 -3.08 -8.40 -23.08
CA LEU A 204 -3.29 -6.96 -23.06
C LEU A 204 -3.48 -6.38 -24.46
N MET A 205 -2.54 -6.69 -25.37
CA MET A 205 -2.54 -6.07 -26.69
C MET A 205 -3.58 -6.66 -27.63
N THR A 206 -3.98 -7.91 -27.40
CA THR A 206 -5.05 -8.52 -28.20
C THR A 206 -6.41 -8.40 -27.51
N GLY A 207 -6.43 -8.60 -26.19
CA GLY A 207 -7.66 -8.63 -25.42
C GLY A 207 -8.23 -10.03 -25.35
N GLN A 208 -7.51 -10.98 -25.93
CA GLN A 208 -7.94 -12.37 -26.01
C GLN A 208 -6.84 -13.28 -25.49
N LEU A 209 -7.22 -14.52 -25.19
CA LEU A 209 -6.25 -15.55 -24.80
C LEU A 209 -5.55 -16.12 -26.04
N PRO A 210 -4.38 -16.77 -25.84
CA PRO A 210 -3.73 -17.39 -26.98
C PRO A 210 -4.45 -18.67 -27.39
N TYR A 211 -4.32 -19.04 -28.66
CA TYR A 211 -4.81 -20.31 -29.19
C TYR A 211 -6.32 -20.51 -28.97
N SER A 212 -7.08 -19.45 -29.13
CA SER A 212 -8.53 -19.48 -28.92
C SER A 212 -9.27 -20.32 -29.97
N ASN A 213 -8.61 -20.57 -31.10
CA ASN A 213 -9.16 -21.39 -32.17
C ASN A 213 -8.97 -22.90 -31.99
N ILE A 214 -8.16 -23.29 -31.00
CA ILE A 214 -7.96 -24.71 -30.67
C ILE A 214 -8.71 -25.07 -29.39
N ASN A 215 -9.55 -26.10 -29.48
CA ASN A 215 -10.41 -26.49 -28.37
C ASN A 215 -10.03 -27.82 -27.70
N ASN A 216 -8.75 -28.18 -27.75
CA ASN A 216 -8.29 -29.43 -27.16
C ASN A 216 -7.03 -29.24 -26.32
N ARG A 217 -7.24 -29.03 -25.03
CA ARG A 217 -6.18 -28.74 -24.07
C ARG A 217 -4.94 -29.63 -24.20
N ASP A 218 -5.15 -30.94 -24.34
CA ASP A 218 -4.02 -31.87 -24.41
C ASP A 218 -3.12 -31.65 -25.60
N GLN A 219 -3.72 -31.22 -26.72
CA GLN A 219 -2.99 -30.95 -27.95
C GLN A 219 -2.12 -29.69 -27.85
N ILE A 220 -2.67 -28.64 -27.26
CA ILE A 220 -1.92 -27.41 -26.99
C ILE A 220 -0.65 -27.74 -26.20
N ILE A 221 -0.80 -28.48 -25.10
CA ILE A 221 0.34 -28.94 -24.30
C ILE A 221 1.40 -29.64 -25.17
N PHE A 222 0.95 -30.48 -26.09
CA PHE A 222 1.87 -31.15 -27.00
C PHE A 222 2.55 -30.15 -27.92
N MET A 223 1.75 -29.32 -28.58
CA MET A 223 2.24 -28.45 -29.65
C MET A 223 3.18 -27.32 -29.19
N VAL A 224 2.78 -26.59 -28.16
CA VAL A 224 3.61 -25.51 -27.60
C VAL A 224 4.92 -26.08 -27.08
N GLY A 225 4.83 -27.28 -26.49
CA GLY A 225 6.00 -28.03 -26.03
C GLY A 225 7.00 -28.39 -27.11
N ARG A 226 6.53 -28.60 -28.34
CA ARG A 226 7.42 -28.95 -29.44
C ARG A 226 7.81 -27.76 -30.31
N GLY A 227 7.15 -26.63 -30.11
CA GLY A 227 7.39 -25.44 -30.92
C GLY A 227 6.53 -25.36 -32.16
N TYR A 228 5.52 -26.22 -32.26
CA TYR A 228 4.62 -26.22 -33.39
C TYR A 228 3.64 -25.06 -33.30
N LEU A 229 3.31 -24.69 -32.07
CA LEU A 229 2.32 -23.64 -31.82
C LEU A 229 3.01 -22.44 -31.21
N SER A 230 2.61 -21.26 -31.66
CA SER A 230 3.05 -19.99 -31.08
C SER A 230 1.87 -19.05 -31.06
N PRO A 231 1.81 -18.13 -30.09
CA PRO A 231 0.75 -17.13 -30.09
C PRO A 231 0.80 -16.32 -31.37
N ASP A 232 -0.36 -16.10 -31.99
CA ASP A 232 -0.47 -15.37 -33.25
C ASP A 232 -0.36 -13.87 -33.02
N LEU A 233 0.83 -13.33 -33.25
CA LEU A 233 1.13 -11.92 -32.99
C LEU A 233 0.37 -10.94 -33.89
N SER A 234 -0.26 -11.45 -34.94
CA SER A 234 -0.97 -10.61 -35.91
C SER A 234 -2.26 -9.99 -35.35
N LYS A 235 -2.74 -10.54 -34.23
CA LYS A 235 -4.01 -10.16 -33.64
C LYS A 235 -3.94 -8.94 -32.71
N VAL A 236 -2.77 -8.29 -32.67
CA VAL A 236 -2.59 -7.10 -31.84
C VAL A 236 -3.44 -5.93 -32.34
N ARG A 237 -3.95 -5.12 -31.41
CA ARG A 237 -4.67 -3.88 -31.74
C ARG A 237 -3.84 -3.11 -32.76
N SER A 238 -4.52 -2.48 -33.72
CA SER A 238 -3.81 -1.73 -34.78
C SER A 238 -2.93 -0.60 -34.23
N ASN A 239 -3.30 -0.07 -33.07
CA ASN A 239 -2.59 1.06 -32.48
C ASN A 239 -1.56 0.67 -31.41
N CYS A 240 -1.26 -0.62 -31.32
CA CYS A 240 -0.18 -1.10 -30.47
C CYS A 240 1.16 -0.70 -31.09
N PRO A 241 1.97 0.13 -30.39
CA PRO A 241 3.25 0.56 -30.94
C PRO A 241 4.19 -0.60 -31.29
N LYS A 242 4.92 -0.45 -32.39
CA LYS A 242 5.82 -1.48 -32.88
C LYS A 242 6.78 -1.95 -31.79
N ALA A 243 7.25 -1.00 -30.98
CA ALA A 243 8.18 -1.29 -29.88
C ALA A 243 7.60 -2.27 -28.87
N MET A 244 6.29 -2.19 -28.64
CA MET A 244 5.60 -3.12 -27.75
C MET A 244 5.54 -4.52 -28.37
N LYS A 245 5.14 -4.57 -29.63
CA LYS A 245 5.04 -5.80 -30.40
C LYS A 245 6.39 -6.55 -30.48
N ARG A 246 7.48 -5.80 -30.63
CA ARG A 246 8.82 -6.39 -30.70
C ARG A 246 9.28 -6.92 -29.35
N LEU A 247 8.94 -6.23 -28.27
CA LEU A 247 9.25 -6.69 -26.92
C LEU A 247 8.52 -7.98 -26.61
N MET A 248 7.27 -8.05 -27.09
CA MET A 248 6.43 -9.20 -26.86
C MET A 248 7.08 -10.47 -27.40
N ALA A 249 7.55 -10.39 -28.65
CA ALA A 249 8.19 -11.53 -29.30
C ALA A 249 9.44 -12.00 -28.56
N GLU A 250 10.24 -11.04 -28.09
CA GLU A 250 11.42 -11.32 -27.28
C GLU A 250 11.08 -12.16 -26.04
N CYS A 251 9.99 -11.79 -25.37
CA CYS A 251 9.54 -12.48 -24.16
C CYS A 251 9.01 -13.87 -24.44
N LEU A 252 8.55 -14.11 -25.66
CA LEU A 252 7.94 -15.40 -26.04
C LEU A 252 8.89 -16.36 -26.75
N LYS A 253 10.17 -15.98 -26.86
CA LYS A 253 11.19 -16.80 -27.52
C LYS A 253 11.23 -18.21 -26.93
N LYS A 254 11.00 -19.19 -27.78
CA LYS A 254 10.87 -20.59 -27.36
C LYS A 254 12.07 -21.10 -26.55
N LYS A 255 13.25 -20.54 -26.82
CA LYS A 255 14.49 -20.90 -26.11
C LYS A 255 14.76 -19.96 -24.93
N ARG A 256 14.95 -20.54 -23.74
CA ARG A 256 15.18 -19.78 -22.51
C ARG A 256 16.10 -18.59 -22.70
N ASP A 257 17.31 -18.88 -23.17
CA ASP A 257 18.43 -17.92 -23.17
C ASP A 257 18.18 -16.63 -23.96
N GLU A 258 17.38 -16.73 -25.02
CA GLU A 258 17.07 -15.60 -25.90
C GLU A 258 16.15 -14.57 -25.25
N ARG A 259 15.47 -14.94 -24.18
CA ARG A 259 14.47 -14.06 -23.55
C ARG A 259 15.12 -13.00 -22.65
N PRO A 260 14.65 -11.73 -22.74
CA PRO A 260 15.25 -10.67 -21.93
C PRO A 260 14.89 -10.82 -20.46
N LEU A 261 15.76 -10.35 -19.57
CA LEU A 261 15.44 -10.30 -18.15
C LEU A 261 14.67 -9.01 -17.85
N PHE A 262 14.02 -8.96 -16.69
CA PHE A 262 13.11 -7.87 -16.38
C PHE A 262 13.69 -6.46 -16.33
N PRO A 263 14.95 -6.31 -15.84
CA PRO A 263 15.58 -4.99 -15.95
C PRO A 263 15.53 -4.43 -17.38
N GLN A 264 15.84 -5.28 -18.37
CA GLN A 264 15.75 -4.90 -19.79
C GLN A 264 14.30 -4.72 -20.28
N ILE A 265 13.39 -5.56 -19.77
CA ILE A 265 11.98 -5.46 -20.08
C ILE A 265 11.41 -4.11 -19.65
N LEU A 266 11.76 -3.71 -18.43
CA LEU A 266 11.29 -2.45 -17.86
C LEU A 266 11.84 -1.27 -18.67
N ALA A 267 13.16 -1.26 -18.85
CA ALA A 267 13.84 -0.25 -19.65
C ALA A 267 13.18 -0.04 -21.01
N SER A 268 12.76 -1.14 -21.65
CA SER A 268 12.13 -1.10 -22.97
C SER A 268 10.73 -0.48 -22.95
N ILE A 269 9.96 -0.75 -21.90
CA ILE A 269 8.64 -0.13 -21.73
C ILE A 269 8.79 1.33 -21.32
N GLU A 270 9.81 1.62 -20.53
CA GLU A 270 10.04 2.97 -20.05
C GLU A 270 10.59 3.90 -21.14
N LEU A 271 11.28 3.33 -22.12
CA LEU A 271 11.71 4.07 -23.30
C LEU A 271 10.52 4.32 -24.22
N LEU A 272 9.63 3.33 -24.33
CA LEU A 272 8.45 3.42 -25.18
C LEU A 272 7.38 4.35 -24.59
N ALA A 273 7.19 4.28 -23.28
CA ALA A 273 6.22 5.12 -22.58
C ALA A 273 6.47 6.61 -22.82
N ARG A 274 7.75 6.95 -23.00
CA ARG A 274 8.21 8.32 -23.24
C ARG A 274 7.47 9.00 -24.39
N SER A 275 7.75 8.57 -25.64
CA SER A 275 7.20 9.23 -26.82
C SER A 275 5.88 8.62 -27.32
N LEU A 276 4.78 8.94 -26.63
CA LEU A 276 3.49 8.31 -26.91
C LEU A 276 2.23 9.14 -26.54
N PRO A 277 2.05 9.48 -25.23
CA PRO A 277 0.74 10.02 -24.75
C PRO A 277 0.22 11.23 -25.54
N ASP B 4 15.89 -8.95 6.83
CA ASP B 4 16.70 -7.70 6.74
C ASP B 4 16.19 -6.75 5.64
N TRP B 5 16.19 -5.45 5.93
CA TRP B 5 15.62 -4.45 5.02
C TRP B 5 16.64 -3.39 4.58
N GLU B 6 17.92 -3.74 4.66
CA GLU B 6 18.95 -2.88 4.08
C GLU B 6 18.92 -3.05 2.57
N ILE B 7 18.75 -1.93 1.88
CA ILE B 7 18.75 -1.92 0.43
C ILE B 7 20.18 -2.10 -0.10
N PRO B 8 20.38 -3.10 -0.99
CA PRO B 8 21.63 -3.32 -1.69
C PRO B 8 22.32 -2.01 -2.08
N ASP B 9 23.60 -1.91 -1.74
CA ASP B 9 24.41 -0.70 -1.96
C ASP B 9 24.33 -0.08 -3.36
N GLY B 10 24.04 1.23 -3.38
CA GLY B 10 24.04 2.03 -4.62
C GLY B 10 23.04 1.67 -5.69
N GLN B 11 21.79 1.42 -5.30
CA GLN B 11 20.73 1.15 -6.27
C GLN B 11 19.78 2.33 -6.39
N ILE B 12 19.77 3.16 -5.35
CA ILE B 12 18.87 4.30 -5.25
C ILE B 12 19.40 5.51 -6.00
N THR B 13 18.61 6.02 -6.95
CA THR B 13 18.89 7.30 -7.60
C THR B 13 18.00 8.37 -6.97
N VAL B 14 18.63 9.42 -6.44
CA VAL B 14 17.93 10.55 -5.86
C VAL B 14 17.67 11.61 -6.94
N GLY B 15 16.42 12.07 -7.03
CA GLY B 15 16.01 13.05 -8.03
C GLY B 15 15.56 14.39 -7.45
N GLN B 16 14.31 14.76 -7.72
CA GLN B 16 13.71 16.03 -7.25
C GLN B 16 13.88 16.29 -5.75
N ARG B 17 13.82 17.56 -5.37
CA ARG B 17 13.95 17.97 -3.97
C ARG B 17 12.65 18.59 -3.47
N ILE B 18 12.10 18.02 -2.40
CA ILE B 18 10.74 18.36 -1.93
C ILE B 18 10.74 19.30 -0.73
N GLY B 19 11.44 18.91 0.32
CA GLY B 19 11.53 19.70 1.55
C GLY B 19 12.82 19.38 2.28
N SER B 20 13.25 20.31 3.14
CA SER B 20 14.50 20.14 3.87
C SER B 20 14.58 20.93 5.17
N GLY B 21 14.16 20.29 6.26
CA GLY B 21 14.41 20.82 7.61
C GLY B 21 15.87 20.64 7.98
N SER B 22 16.19 20.83 9.25
CA SER B 22 17.55 20.58 9.73
C SER B 22 17.82 19.08 9.97
N PHE B 23 16.73 18.30 10.04
CA PHE B 23 16.77 16.87 10.41
C PHE B 23 16.78 15.92 9.19
N GLY B 24 17.08 16.45 8.01
CA GLY B 24 17.11 15.64 6.81
C GLY B 24 16.48 16.33 5.62
N THR B 25 16.54 15.66 4.47
CA THR B 25 15.98 16.20 3.24
C THR B 25 15.17 15.13 2.56
N VAL B 26 13.99 15.52 2.09
CA VAL B 26 13.12 14.60 1.36
C VAL B 26 13.34 14.74 -0.14
N TYR B 27 13.57 13.61 -0.80
CA TYR B 27 13.71 13.55 -2.24
C TYR B 27 12.68 12.60 -2.85
N LYS B 28 12.30 12.87 -4.10
CA LYS B 28 11.61 11.89 -4.93
C LYS B 28 12.67 11.10 -5.65
N GLY B 29 12.71 9.79 -5.42
CA GLY B 29 13.77 8.96 -5.98
C GLY B 29 13.32 7.86 -6.89
N LYS B 30 14.22 6.92 -7.15
CA LYS B 30 13.93 5.72 -7.93
C LYS B 30 14.60 4.47 -7.34
N TRP B 31 13.77 3.47 -7.04
CA TRP B 31 14.21 2.14 -6.63
C TRP B 31 13.10 1.17 -6.97
N HIS B 32 13.28 0.37 -8.02
CA HIS B 32 12.20 -0.47 -8.56
C HIS B 32 10.93 0.34 -8.74
N GLY B 33 11.04 1.48 -9.42
CA GLY B 33 9.89 2.38 -9.65
C GLY B 33 10.04 3.68 -8.89
N ASP B 34 9.00 4.52 -8.93
CA ASP B 34 9.01 5.80 -8.20
C ASP B 34 8.90 5.60 -6.69
N VAL B 35 9.84 6.18 -5.94
CA VAL B 35 9.86 6.07 -4.47
C VAL B 35 10.12 7.43 -3.81
N ALA B 36 9.96 7.48 -2.49
CA ALA B 36 10.28 8.67 -1.70
C ALA B 36 11.45 8.38 -0.76
N VAL B 37 12.39 9.32 -0.71
CA VAL B 37 13.61 9.13 0.06
C VAL B 37 13.82 10.25 1.07
N LYS B 38 14.08 9.88 2.32
CA LYS B 38 14.48 10.83 3.35
C LYS B 38 15.85 10.44 3.90
N MET B 39 16.79 11.37 3.83
CA MET B 39 18.17 11.08 4.16
C MET B 39 18.87 12.26 4.82
N LEU B 40 19.91 11.95 5.60
CA LEU B 40 20.79 12.96 6.17
C LEU B 40 21.78 13.47 5.13
N ASN B 41 22.14 14.76 5.25
CA ASN B 41 23.10 15.36 4.35
C ASN B 41 24.35 15.92 5.05
N VAL B 42 24.81 15.18 6.07
CA VAL B 42 26.06 15.50 6.75
C VAL B 42 27.15 14.49 6.36
N THR B 43 28.42 14.86 6.60
CA THR B 43 29.54 13.97 6.29
C THR B 43 29.46 12.69 7.13
N ALA B 44 29.51 12.87 8.46
CA ALA B 44 29.38 11.75 9.40
C ALA B 44 28.38 12.08 10.50
N PRO B 45 27.31 11.28 10.60
CA PRO B 45 26.24 11.48 11.58
C PRO B 45 26.73 11.39 13.02
N THR B 46 26.22 12.28 13.87
CA THR B 46 26.47 12.23 15.32
C THR B 46 25.90 10.95 15.96
N PRO B 47 26.33 10.62 17.19
CA PRO B 47 25.77 9.45 17.88
C PRO B 47 24.25 9.53 18.13
N GLN B 48 23.75 10.74 18.36
CA GLN B 48 22.33 10.93 18.67
C GLN B 48 21.44 11.14 17.43
N GLN B 49 22.08 11.31 16.27
CA GLN B 49 21.39 11.32 14.98
C GLN B 49 21.26 9.91 14.43
N LEU B 50 22.29 9.09 14.68
CA LEU B 50 22.27 7.69 14.29
C LEU B 50 21.18 6.93 15.04
N GLN B 51 20.98 7.29 16.31
CA GLN B 51 19.92 6.72 17.15
C GLN B 51 18.51 7.01 16.62
N ALA B 52 18.24 8.27 16.31
CA ALA B 52 16.95 8.69 15.76
C ALA B 52 16.64 7.97 14.45
N PHE B 53 17.68 7.75 13.65
CA PHE B 53 17.58 6.97 12.42
C PHE B 53 17.17 5.54 12.76
N LYS B 54 17.86 4.96 13.75
CA LYS B 54 17.60 3.58 14.17
C LYS B 54 16.20 3.38 14.74
N ASN B 55 15.68 4.38 15.45
CA ASN B 55 14.31 4.32 15.99
C ASN B 55 13.27 4.37 14.88
N GLU B 56 13.48 5.25 13.91
CA GLU B 56 12.51 5.45 12.83
C GLU B 56 12.38 4.15 12.03
N VAL B 57 13.52 3.54 11.73
CA VAL B 57 13.58 2.24 11.07
C VAL B 57 13.02 1.13 11.96
N GLY B 58 13.28 1.23 13.27
CA GLY B 58 12.77 0.26 14.24
C GLY B 58 11.25 0.23 14.26
N VAL B 59 10.64 1.41 14.15
CA VAL B 59 9.19 1.56 14.13
C VAL B 59 8.59 1.18 12.78
N LEU B 60 9.12 1.75 11.71
CA LEU B 60 8.57 1.52 10.36
C LEU B 60 8.56 0.05 9.95
N ARG B 61 9.63 -0.66 10.29
CA ARG B 61 9.74 -2.11 10.04
C ARG B 61 8.60 -2.94 10.66
N LYS B 62 7.94 -2.40 11.69
CA LYS B 62 6.85 -3.13 12.39
C LYS B 62 5.46 -2.85 11.81
N THR B 63 5.41 -2.13 10.69
CA THR B 63 4.14 -1.67 10.14
C THR B 63 3.85 -2.25 8.75
N ARG B 64 2.71 -2.93 8.62
CA ARG B 64 2.26 -3.41 7.32
C ARG B 64 0.79 -3.14 7.19
N HIS B 65 0.44 -1.89 6.93
CA HIS B 65 -0.96 -1.50 6.88
C HIS B 65 -1.26 -0.53 5.75
N VAL B 66 -2.43 -0.73 5.13
CA VAL B 66 -2.90 0.05 3.99
C VAL B 66 -2.90 1.55 4.25
N ASN B 67 -3.31 1.95 5.45
CA ASN B 67 -3.38 3.36 5.82
C ASN B 67 -2.11 3.90 6.48
N ILE B 68 -1.13 3.02 6.66
CA ILE B 68 0.18 3.44 7.14
C ILE B 68 1.14 3.46 5.96
N LEU B 69 1.84 4.60 5.82
CA LEU B 69 2.84 4.81 4.77
C LEU B 69 3.81 3.62 4.70
N LEU B 70 4.02 3.14 3.48
CA LEU B 70 4.73 1.88 3.26
C LEU B 70 6.24 2.06 3.25
N PHE B 71 6.89 1.59 4.31
CA PHE B 71 8.35 1.56 4.40
C PHE B 71 8.85 0.44 3.50
N MET B 72 9.81 0.76 2.63
CA MET B 72 10.33 -0.19 1.65
C MET B 72 11.73 -0.69 1.98
N GLY B 73 12.54 0.16 2.59
CA GLY B 73 13.92 -0.18 2.94
C GLY B 73 14.70 1.01 3.44
N TYR B 74 15.95 0.77 3.81
CA TYR B 74 16.85 1.82 4.27
C TYR B 74 18.26 1.60 3.75
N SER B 75 19.07 2.64 3.83
CA SER B 75 20.46 2.58 3.41
C SER B 75 21.35 3.41 4.34
N THR B 76 22.58 2.95 4.55
CA THR B 76 23.54 3.67 5.38
C THR B 76 24.71 4.16 4.54
N LYS B 77 25.05 3.39 3.50
CA LYS B 77 26.11 3.74 2.57
C LYS B 77 25.51 4.11 1.22
N PRO B 78 25.82 5.30 0.68
CA PRO B 78 26.76 6.31 1.17
C PRO B 78 26.27 7.13 2.37
N GLN B 79 24.95 7.33 2.46
CA GLN B 79 24.36 8.14 3.53
C GLN B 79 23.22 7.41 4.23
N LEU B 80 22.93 7.82 5.46
CA LEU B 80 21.73 7.34 6.14
C LEU B 80 20.52 7.81 5.35
N ALA B 81 19.70 6.87 4.90
CA ALA B 81 18.50 7.17 4.10
C ALA B 81 17.37 6.17 4.36
N ILE B 82 16.14 6.67 4.42
CA ILE B 82 14.93 5.85 4.56
C ILE B 82 14.08 5.95 3.30
N VAL B 83 13.74 4.80 2.74
CA VAL B 83 12.98 4.74 1.50
C VAL B 83 11.56 4.27 1.78
N THR B 84 10.59 5.06 1.37
CA THR B 84 9.18 4.65 1.42
C THR B 84 8.54 4.85 0.05
N GLN B 85 7.33 4.32 -0.11
CA GLN B 85 6.55 4.51 -1.33
C GLN B 85 6.32 5.98 -1.64
N TRP B 86 6.20 6.30 -2.92
CA TRP B 86 5.90 7.66 -3.34
C TRP B 86 4.40 7.83 -3.35
N CYS B 87 3.91 8.96 -2.85
CA CYS B 87 2.47 9.24 -2.87
C CYS B 87 2.10 10.50 -3.66
N GLU B 88 1.13 10.34 -4.54
CA GLU B 88 0.67 11.40 -5.42
C GLU B 88 -0.51 12.13 -4.80
N GLY B 89 -0.44 13.46 -4.76
CA GLY B 89 -1.48 14.27 -4.12
C GLY B 89 -0.86 15.17 -3.07
N SER B 90 -1.67 15.57 -2.10
CA SER B 90 -1.17 16.35 -0.96
C SER B 90 -1.83 15.95 0.36
N SER B 91 -1.27 16.43 1.47
CA SER B 91 -1.82 16.18 2.80
C SER B 91 -3.27 16.65 2.95
N LEU B 92 -3.90 16.21 4.03
CA LEU B 92 -5.26 16.66 4.35
C LEU B 92 -5.25 18.15 4.66
N TYR B 93 -4.15 18.63 5.22
CA TYR B 93 -4.00 20.02 5.61
C TYR B 93 -4.13 20.95 4.42
N HIS B 94 -3.42 20.61 3.34
CA HIS B 94 -3.44 21.36 2.08
C HIS B 94 -4.86 21.44 1.50
N HIS B 95 -5.52 20.29 1.39
CA HIS B 95 -6.88 20.20 0.84
C HIS B 95 -7.87 21.05 1.62
N LEU B 96 -7.72 21.06 2.94
CA LEU B 96 -8.66 21.75 3.82
C LEU B 96 -8.42 23.26 3.92
N HIS B 97 -7.17 23.64 4.15
CA HIS B 97 -6.88 25.02 4.56
C HIS B 97 -6.10 25.85 3.53
N ILE B 98 -5.70 25.25 2.42
CA ILE B 98 -4.92 25.98 1.41
C ILE B 98 -5.64 26.07 0.07
N ILE B 99 -5.96 24.93 -0.53
CA ILE B 99 -6.73 24.94 -1.79
C ILE B 99 -8.24 24.95 -1.57
N GLU B 100 -8.66 24.46 -0.40
CA GLU B 100 -10.04 24.48 0.06
C GLU B 100 -10.99 23.63 -0.77
N THR B 101 -10.70 22.33 -0.86
CA THR B 101 -11.53 21.38 -1.57
C THR B 101 -12.85 21.19 -0.82
N LYS B 102 -13.97 21.36 -1.52
CA LYS B 102 -15.29 21.11 -0.90
C LYS B 102 -15.71 19.63 -0.97
N PHE B 103 -15.17 18.84 -0.04
CA PHE B 103 -15.47 17.41 0.06
C PHE B 103 -16.91 17.14 0.43
N GLU B 104 -17.39 15.97 0.04
CA GLU B 104 -18.73 15.52 0.42
C GLU B 104 -18.70 14.84 1.78
N MET B 105 -19.84 14.87 2.46
CA MET B 105 -19.94 14.32 3.80
C MET B 105 -19.55 12.85 3.87
N ILE B 106 -20.04 12.05 2.91
CA ILE B 106 -19.69 10.62 2.83
C ILE B 106 -18.18 10.43 2.82
N LYS B 107 -17.49 11.27 2.06
CA LYS B 107 -16.04 11.19 1.92
C LYS B 107 -15.31 11.67 3.17
N LEU B 108 -15.80 12.77 3.75
CA LEU B 108 -15.25 13.28 5.00
C LEU B 108 -15.27 12.20 6.08
N ILE B 109 -16.35 11.42 6.11
CA ILE B 109 -16.46 10.33 7.07
C ILE B 109 -15.48 9.22 6.72
N ASP B 110 -15.34 8.92 5.43
CA ASP B 110 -14.37 7.93 4.95
C ASP B 110 -12.93 8.31 5.35
N ILE B 111 -12.59 9.59 5.21
CA ILE B 111 -11.27 10.10 5.55
C ILE B 111 -10.96 9.87 7.03
N ALA B 112 -11.98 10.06 7.87
CA ALA B 112 -11.87 9.78 9.29
C ALA B 112 -11.81 8.28 9.57
N ARG B 113 -12.64 7.52 8.86
CA ARG B 113 -12.70 6.06 9.00
C ARG B 113 -11.33 5.44 8.76
N GLN B 114 -10.59 5.96 7.77
CA GLN B 114 -9.26 5.45 7.45
C GLN B 114 -8.18 5.88 8.45
N THR B 115 -8.19 7.15 8.84
CA THR B 115 -7.26 7.65 9.85
C THR B 115 -7.44 6.87 11.13
N ALA B 116 -8.71 6.65 11.52
CA ALA B 116 -9.05 5.80 12.66
C ALA B 116 -8.51 4.37 12.48
N GLN B 117 -8.71 3.79 11.30
CA GLN B 117 -8.16 2.47 10.99
C GLN B 117 -6.65 2.45 11.20
N GLY B 118 -5.98 3.47 10.66
CA GLY B 118 -4.52 3.55 10.71
C GLY B 118 -3.99 3.67 12.12
N MET B 119 -4.63 4.55 12.89
CA MET B 119 -4.25 4.80 14.27
C MET B 119 -4.50 3.59 15.16
N ASP B 120 -5.64 2.93 14.96
CA ASP B 120 -5.95 1.69 15.65
C ASP B 120 -4.84 0.66 15.48
N TYR B 121 -4.30 0.58 14.26
CA TYR B 121 -3.24 -0.35 13.91
C TYR B 121 -1.96 -0.05 14.69
N LEU B 122 -1.55 1.21 14.69
CA LEU B 122 -0.32 1.63 15.35
C LEU B 122 -0.40 1.40 16.86
N HIS B 123 -1.53 1.77 17.44
CA HIS B 123 -1.77 1.59 18.86
C HIS B 123 -1.72 0.13 19.28
N ALA B 124 -2.20 -0.75 18.41
CA ALA B 124 -2.18 -2.19 18.67
C ALA B 124 -0.76 -2.73 18.67
N LYS B 125 0.05 -2.20 17.77
CA LYS B 125 1.47 -2.57 17.68
C LYS B 125 2.31 -1.83 18.73
N SER B 126 1.62 -1.19 19.67
CA SER B 126 2.20 -0.40 20.78
C SER B 126 2.98 0.83 20.32
N ILE B 127 2.47 1.50 19.29
CA ILE B 127 3.13 2.67 18.72
C ILE B 127 2.28 3.91 18.95
N ILE B 128 2.84 4.85 19.70
CA ILE B 128 2.25 6.17 19.88
C ILE B 128 2.78 7.02 18.73
N HIS B 129 1.90 7.80 18.10
CA HIS B 129 2.34 8.64 16.98
C HIS B 129 3.09 9.89 17.45
N ARG B 130 2.58 10.54 18.49
CA ARG B 130 3.18 11.76 19.07
C ARG B 130 3.02 13.07 18.27
N ASP B 131 2.60 12.98 17.01
CA ASP B 131 2.34 14.20 16.24
C ASP B 131 1.34 13.95 15.11
N LEU B 132 0.20 13.37 15.46
CA LEU B 132 -0.90 13.22 14.53
C LEU B 132 -1.55 14.58 14.26
N LYS B 133 -1.58 14.97 12.99
CA LYS B 133 -2.15 16.23 12.55
C LYS B 133 -2.49 16.09 11.08
N SER B 134 -3.37 16.96 10.59
CA SER B 134 -3.83 16.90 9.20
C SER B 134 -2.70 17.08 8.19
N ASN B 135 -1.56 17.60 8.65
CA ASN B 135 -0.33 17.70 7.85
C ASN B 135 0.31 16.33 7.64
N ASN B 136 0.15 15.47 8.64
CA ASN B 136 0.69 14.12 8.58
C ASN B 136 -0.34 13.10 8.11
N ILE B 137 -1.42 13.58 7.50
CA ILE B 137 -2.40 12.71 6.88
C ILE B 137 -2.35 12.91 5.36
N PHE B 138 -1.54 12.11 4.69
CA PHE B 138 -1.40 12.22 3.24
C PHE B 138 -2.54 11.54 2.52
N LEU B 139 -3.10 12.21 1.51
CA LEU B 139 -4.19 11.65 0.71
C LEU B 139 -3.72 11.20 -0.66
N HIS B 140 -3.14 10.00 -0.69
CA HIS B 140 -2.60 9.39 -1.90
C HIS B 140 -3.67 9.22 -2.97
N GLU B 141 -3.39 9.77 -4.15
CA GLU B 141 -4.34 9.79 -5.27
C GLU B 141 -5.74 10.23 -4.86
N ASP B 142 -5.79 11.18 -3.92
CA ASP B 142 -7.03 11.79 -3.41
C ASP B 142 -8.10 10.80 -2.90
N LEU B 143 -7.71 9.57 -2.56
CA LEU B 143 -8.68 8.57 -2.12
C LEU B 143 -8.19 7.60 -1.03
N THR B 144 -6.91 7.68 -0.69
CA THR B 144 -6.33 6.79 0.34
C THR B 144 -5.51 7.55 1.36
N VAL B 145 -5.87 7.38 2.62
CA VAL B 145 -5.16 8.00 3.73
C VAL B 145 -3.91 7.18 4.05
N LYS B 146 -2.75 7.84 3.91
CA LYS B 146 -1.48 7.26 4.35
C LYS B 146 -0.97 8.09 5.52
N ILE B 147 -0.94 7.50 6.70
CA ILE B 147 -0.44 8.19 7.89
C ILE B 147 1.06 8.05 7.98
N GLY B 148 1.73 9.16 8.31
CA GLY B 148 3.17 9.13 8.55
C GLY B 148 3.57 10.34 9.37
N ASP B 149 4.87 10.57 9.46
CA ASP B 149 5.42 11.78 10.07
C ASP B 149 6.17 12.50 8.96
N PHE B 150 5.43 13.23 8.15
CA PHE B 150 5.97 13.87 6.96
C PHE B 150 6.69 15.17 7.27
N GLY B 151 7.07 15.37 8.54
CA GLY B 151 7.74 16.59 8.95
C GLY B 151 8.49 17.20 7.77
N LEU B 152 7.95 18.29 7.22
CA LEU B 152 8.58 19.10 6.15
C LEU B 152 8.27 18.71 4.69
N ALA B 153 7.98 17.43 4.45
CA ALA B 153 7.54 16.95 3.12
C ALA B 153 6.14 17.48 2.78
N THR B 154 5.51 18.13 3.76
CA THR B 154 4.23 18.80 3.58
C THR B 154 4.31 20.22 4.16
N VAL B 155 3.32 21.06 3.87
CA VAL B 155 3.26 22.44 4.37
C VAL B 155 3.11 22.50 5.90
N LYS B 156 3.81 23.46 6.52
CA LYS B 156 3.80 23.64 7.97
C LYS B 156 2.46 24.17 8.47
N SER B 157 2.06 23.76 9.69
CA SER B 157 0.78 24.19 10.28
C SER B 157 0.82 25.67 10.69
N ARG B 158 -0.35 26.22 11.01
CA ARG B 158 -0.49 27.65 11.27
C ARG B 158 0.52 28.19 12.30
N TRP B 159 0.85 27.38 13.30
CA TRP B 159 1.78 27.82 14.35
C TRP B 159 3.01 26.92 14.44
N GLY B 170 7.24 23.78 17.02
CA GLY B 170 6.26 22.69 17.02
C GLY B 170 4.86 23.15 16.65
N SER B 171 4.03 22.18 16.22
CA SER B 171 2.62 22.40 15.91
C SER B 171 1.77 22.12 17.14
N ILE B 172 0.95 23.11 17.51
CA ILE B 172 0.30 23.12 18.82
C ILE B 172 -1.16 22.71 18.82
N LEU B 173 -1.85 22.92 17.70
CA LEU B 173 -3.30 22.80 17.65
C LEU B 173 -3.85 21.40 17.96
N TRP B 174 -3.00 20.39 17.82
CA TRP B 174 -3.43 19.00 18.00
C TRP B 174 -3.03 18.42 19.35
N MET B 175 -2.35 19.24 20.16
CA MET B 175 -1.87 18.81 21.47
C MET B 175 -2.96 18.91 22.50
N ALA B 176 -3.13 17.84 23.26
CA ALA B 176 -4.05 17.80 24.39
C ALA B 176 -3.53 18.69 25.52
N PRO B 177 -4.43 19.16 26.41
CA PRO B 177 -4.02 19.94 27.56
C PRO B 177 -2.83 19.38 28.33
N GLU B 178 -2.85 18.09 28.66
CA GLU B 178 -1.75 17.48 29.40
C GLU B 178 -0.40 17.55 28.67
N VAL B 179 -0.45 17.63 27.33
CA VAL B 179 0.75 17.70 26.49
C VAL B 179 1.33 19.12 26.44
N ILE B 180 0.45 20.12 26.35
CA ILE B 180 0.88 21.52 26.25
C ILE B 180 1.52 22.03 27.55
N ARG B 181 0.98 21.61 28.69
CA ARG B 181 1.52 21.99 30.00
C ARG B 181 2.99 21.58 30.18
N MET B 182 3.49 20.80 29.20
CA MET B 182 4.90 20.41 29.10
C MET B 182 5.52 20.02 30.45
N GLN B 183 4.76 19.25 31.25
CA GLN B 183 5.24 18.74 32.52
C GLN B 183 6.42 17.79 32.27
N ASP B 184 7.45 17.88 33.11
CA ASP B 184 8.69 17.09 32.96
C ASP B 184 8.44 15.57 32.85
N LYS B 185 7.33 15.11 33.44
CA LYS B 185 6.88 13.71 33.32
C LYS B 185 6.17 13.47 31.99
N ASN B 186 6.61 12.42 31.28
CA ASN B 186 6.14 12.06 29.92
C ASN B 186 4.61 11.97 29.77
N PRO B 187 4.00 12.90 29.00
CA PRO B 187 2.55 13.02 28.90
C PRO B 187 1.91 12.29 27.72
N TYR B 188 2.73 11.75 26.81
CA TYR B 188 2.26 11.11 25.59
C TYR B 188 1.65 9.74 25.83
N SER B 189 0.44 9.55 25.33
CA SER B 189 -0.34 8.34 25.55
C SER B 189 -1.22 8.07 24.35
N PHE B 190 -1.87 6.91 24.35
CA PHE B 190 -2.85 6.60 23.32
C PHE B 190 -3.91 7.70 23.24
N GLN B 191 -4.31 8.24 24.40
CA GLN B 191 -5.34 9.27 24.51
C GLN B 191 -4.94 10.62 23.91
N SER B 192 -3.67 10.99 24.04
CA SER B 192 -3.16 12.22 23.44
C SER B 192 -3.27 12.17 21.92
N ASP B 193 -3.04 10.99 21.34
CA ASP B 193 -3.27 10.74 19.93
C ASP B 193 -4.75 10.86 19.59
N VAL B 194 -5.59 10.37 20.50
CA VAL B 194 -7.04 10.46 20.36
C VAL B 194 -7.48 11.91 20.27
N TYR B 195 -7.00 12.75 21.18
CA TYR B 195 -7.30 14.18 21.19
C TYR B 195 -6.94 14.82 19.84
N ALA B 196 -5.72 14.54 19.36
CA ALA B 196 -5.26 15.00 18.05
C ALA B 196 -6.21 14.57 16.93
N PHE B 197 -6.71 13.34 17.04
CA PHE B 197 -7.72 12.80 16.12
C PHE B 197 -9.01 13.62 16.21
N GLY B 198 -9.39 13.96 17.43
CA GLY B 198 -10.57 14.78 17.69
C GLY B 198 -10.44 16.17 17.07
N ILE B 199 -9.20 16.66 16.99
CA ILE B 199 -8.95 17.96 16.36
C ILE B 199 -8.95 17.83 14.84
N VAL B 200 -8.42 16.71 14.35
CA VAL B 200 -8.48 16.41 12.92
C VAL B 200 -9.94 16.33 12.49
N LEU B 201 -10.77 15.67 13.31
CA LEU B 201 -12.21 15.57 13.09
C LEU B 201 -12.84 16.94 13.03
N TYR B 202 -12.43 17.82 13.94
CA TYR B 202 -12.88 19.19 13.94
C TYR B 202 -12.56 19.84 12.59
N GLU B 203 -11.31 19.70 12.17
CA GLU B 203 -10.85 20.18 10.86
C GLU B 203 -11.71 19.69 9.71
N LEU B 204 -12.15 18.43 9.76
CA LEU B 204 -12.96 17.85 8.70
C LEU B 204 -14.37 18.41 8.73
N MET B 205 -14.93 18.51 9.92
CA MET B 205 -16.32 18.90 10.10
C MET B 205 -16.57 20.39 10.00
N THR B 206 -15.53 21.19 10.19
CA THR B 206 -15.69 22.64 10.12
C THR B 206 -15.08 23.22 8.84
N GLY B 207 -14.17 22.47 8.23
CA GLY B 207 -13.36 22.95 7.13
C GLY B 207 -12.33 23.97 7.61
N GLN B 208 -12.25 24.15 8.93
CA GLN B 208 -11.41 25.21 9.50
C GLN B 208 -10.48 24.70 10.59
N LEU B 209 -9.54 25.53 10.99
CA LEU B 209 -8.68 25.24 12.13
C LEU B 209 -9.25 25.83 13.43
N PRO B 210 -9.02 25.16 14.56
CA PRO B 210 -9.51 25.67 15.84
C PRO B 210 -8.83 26.99 16.24
N TYR B 211 -9.52 27.76 17.07
CA TYR B 211 -9.00 29.01 17.64
C TYR B 211 -8.52 30.00 16.56
N SER B 212 -9.29 30.10 15.48
CA SER B 212 -8.95 30.97 14.35
C SER B 212 -9.10 32.46 14.67
N ASN B 213 -9.93 32.77 15.66
CA ASN B 213 -10.16 34.16 16.06
C ASN B 213 -9.11 34.71 17.04
N ILE B 214 -8.18 33.86 17.46
CA ILE B 214 -7.06 34.28 18.30
C ILE B 214 -5.77 34.33 17.47
N ASN B 215 -4.98 35.37 17.67
CA ASN B 215 -3.76 35.56 16.90
C ASN B 215 -2.48 35.49 17.72
N ASN B 216 -2.59 35.20 19.00
CA ASN B 216 -1.42 35.06 19.86
C ASN B 216 -1.11 33.59 20.18
N ARG B 217 0.04 33.13 19.72
CA ARG B 217 0.47 31.76 19.89
C ARG B 217 0.57 31.38 21.36
N ASP B 218 1.21 32.24 22.16
CA ASP B 218 1.43 31.95 23.58
C ASP B 218 0.13 31.89 24.39
N GLN B 219 -0.83 32.73 24.03
CA GLN B 219 -2.17 32.70 24.64
C GLN B 219 -2.88 31.37 24.42
N ILE B 220 -2.88 30.91 23.16
CA ILE B 220 -3.44 29.61 22.78
C ILE B 220 -2.82 28.50 23.62
N ILE B 221 -1.49 28.46 23.67
CA ILE B 221 -0.74 27.51 24.49
C ILE B 221 -1.20 27.56 25.94
N PHE B 222 -1.17 28.75 26.54
CA PHE B 222 -1.50 28.91 27.94
C PHE B 222 -2.92 28.48 28.23
N MET B 223 -3.84 28.81 27.35
CA MET B 223 -5.26 28.64 27.63
C MET B 223 -5.79 27.24 27.39
N VAL B 224 -5.25 26.56 26.37
CA VAL B 224 -5.65 25.17 26.11
C VAL B 224 -5.14 24.29 27.24
N GLY B 225 -3.97 24.64 27.76
CA GLY B 225 -3.34 23.91 28.87
C GLY B 225 -4.08 24.00 30.19
N ARG B 226 -4.59 25.19 30.51
CA ARG B 226 -5.34 25.39 31.75
C ARG B 226 -6.84 25.08 31.57
N GLY B 227 -7.22 24.71 30.36
CA GLY B 227 -8.61 24.37 30.06
C GLY B 227 -9.55 25.56 30.06
N TYR B 228 -9.03 26.75 29.73
CA TYR B 228 -9.86 27.92 29.55
C TYR B 228 -10.33 28.01 28.10
N LEU B 229 -9.58 27.36 27.21
CA LEU B 229 -9.95 27.32 25.80
C LEU B 229 -10.30 25.89 25.40
N SER B 230 -11.20 25.77 24.43
CA SER B 230 -11.69 24.51 23.94
C SER B 230 -12.21 24.81 22.54
N PRO B 231 -12.12 23.84 21.61
CA PRO B 231 -12.65 24.11 20.27
C PRO B 231 -14.16 24.37 20.27
N ASP B 232 -14.59 25.27 19.38
CA ASP B 232 -15.99 25.68 19.28
C ASP B 232 -16.79 24.70 18.44
N LEU B 233 -17.55 23.84 19.12
CA LEU B 233 -18.30 22.76 18.47
C LEU B 233 -19.43 23.23 17.55
N SER B 234 -20.00 24.39 17.86
CA SER B 234 -21.12 24.95 17.10
C SER B 234 -20.77 25.35 15.66
N LYS B 235 -19.53 25.11 15.26
CA LYS B 235 -19.05 25.51 13.93
C LYS B 235 -19.22 24.44 12.87
N VAL B 236 -19.64 23.24 13.27
CA VAL B 236 -19.74 22.09 12.35
C VAL B 236 -20.82 22.26 11.28
N ARG B 237 -20.63 21.60 10.14
CA ARG B 237 -21.66 21.50 9.09
C ARG B 237 -22.91 20.91 9.73
N SER B 238 -24.08 21.22 9.15
CA SER B 238 -25.33 20.68 9.67
C SER B 238 -25.67 19.30 9.09
N ASN B 239 -25.17 19.02 7.89
CA ASN B 239 -25.29 17.68 7.30
C ASN B 239 -24.32 16.70 7.95
N CYS B 240 -23.57 17.20 8.92
CA CYS B 240 -22.72 16.38 9.77
C CYS B 240 -23.62 15.65 10.77
N PRO B 241 -23.51 14.30 10.82
CA PRO B 241 -24.31 13.44 11.70
C PRO B 241 -24.23 13.82 13.18
N LYS B 242 -25.30 13.53 13.92
CA LYS B 242 -25.33 13.72 15.38
C LYS B 242 -24.31 12.78 16.05
N ALA B 243 -24.21 11.55 15.55
CA ALA B 243 -23.32 10.54 16.12
C ALA B 243 -21.86 10.93 16.00
N MET B 244 -21.55 11.77 15.02
CA MET B 244 -20.19 12.25 14.78
C MET B 244 -19.79 13.34 15.78
N LYS B 245 -20.60 14.39 15.89
CA LYS B 245 -20.41 15.42 16.89
C LYS B 245 -20.23 14.83 18.28
N ARG B 246 -21.11 13.92 18.68
CA ARG B 246 -21.02 13.27 19.98
C ARG B 246 -19.65 12.63 20.17
N LEU B 247 -19.17 11.93 19.14
CA LEU B 247 -17.86 11.26 19.18
C LEU B 247 -16.71 12.25 19.26
N MET B 248 -16.79 13.29 18.43
CA MET B 248 -15.77 14.32 18.38
C MET B 248 -15.62 15.03 19.70
N ALA B 249 -16.70 15.11 20.46
CA ALA B 249 -16.66 15.72 21.79
C ALA B 249 -15.99 14.79 22.77
N GLU B 250 -16.22 13.48 22.60
CA GLU B 250 -15.63 12.44 23.44
C GLU B 250 -14.12 12.45 23.33
N CYS B 251 -13.63 12.53 22.09
CA CYS B 251 -12.21 12.50 21.79
C CYS B 251 -11.45 13.72 22.30
N LEU B 252 -12.18 14.80 22.55
CA LEU B 252 -11.58 16.06 22.98
C LEU B 252 -11.77 16.36 24.48
N LYS B 253 -12.43 15.44 25.18
CA LYS B 253 -12.67 15.56 26.62
C LYS B 253 -11.38 15.79 27.39
N LYS B 254 -11.31 16.91 28.09
CA LYS B 254 -10.10 17.34 28.79
C LYS B 254 -9.53 16.30 29.76
N LYS B 255 -10.43 15.50 30.35
CA LYS B 255 -10.05 14.37 31.18
C LYS B 255 -9.39 13.32 30.30
N ARG B 256 -8.15 12.97 30.62
CA ARG B 256 -7.36 12.03 29.82
C ARG B 256 -8.10 10.75 29.48
N ASP B 257 -8.38 9.95 30.50
CA ASP B 257 -8.92 8.61 30.28
C ASP B 257 -10.44 8.55 30.25
N GLU B 258 -11.08 9.67 29.92
CA GLU B 258 -12.50 9.67 29.57
C GLU B 258 -12.65 9.64 28.07
N ARG B 259 -11.49 9.68 27.38
CA ARG B 259 -11.43 9.67 25.92
C ARG B 259 -11.41 8.22 25.43
N PRO B 260 -12.29 7.89 24.46
CA PRO B 260 -12.33 6.56 23.85
C PRO B 260 -11.00 6.18 23.19
N LEU B 261 -10.58 4.92 23.37
CA LEU B 261 -9.44 4.39 22.64
C LEU B 261 -9.84 4.15 21.19
N PHE B 262 -8.88 3.82 20.35
CA PHE B 262 -9.15 3.71 18.91
C PHE B 262 -10.04 2.55 18.44
N PRO B 263 -10.02 1.37 19.12
CA PRO B 263 -10.96 0.32 18.72
C PRO B 263 -12.42 0.77 18.85
N GLN B 264 -12.77 1.42 19.96
CA GLN B 264 -14.13 1.93 20.16
C GLN B 264 -14.47 3.07 19.22
N ILE B 265 -13.49 3.93 18.95
CA ILE B 265 -13.66 5.02 17.98
C ILE B 265 -13.99 4.46 16.60
N LEU B 266 -13.22 3.48 16.18
CA LEU B 266 -13.37 2.86 14.86
C LEU B 266 -14.74 2.21 14.73
N ALA B 267 -15.20 1.54 15.78
CA ALA B 267 -16.52 0.90 15.77
C ALA B 267 -17.64 1.93 15.59
N SER B 268 -17.51 3.06 16.29
CA SER B 268 -18.52 4.13 16.24
C SER B 268 -18.64 4.76 14.86
N ILE B 269 -17.52 4.86 14.14
CA ILE B 269 -17.50 5.40 12.78
C ILE B 269 -17.97 4.36 11.79
N GLU B 270 -17.62 3.10 12.05
CA GLU B 270 -18.10 1.98 11.24
C GLU B 270 -19.58 1.66 11.52
N LEU B 271 -20.16 2.30 12.54
CA LEU B 271 -21.57 2.11 12.87
C LEU B 271 -22.44 2.96 11.93
N LEU B 272 -22.41 4.28 12.11
CA LEU B 272 -23.25 5.21 11.35
C LEU B 272 -22.92 5.26 9.85
N ALA B 273 -21.75 4.72 9.48
CA ALA B 273 -21.27 4.73 8.09
C ALA B 273 -22.25 4.06 7.12
N ARG B 274 -22.97 3.06 7.62
CA ARG B 274 -23.98 2.36 6.81
C ARG B 274 -25.41 2.79 7.14
N SER B 275 -25.60 4.08 7.42
CA SER B 275 -26.93 4.67 7.63
C SER B 275 -26.93 6.19 7.39
#